data_3LVL
#
_entry.id   3LVL
#
_cell.length_a   77.647
_cell.length_b   77.647
_cell.length_c   355.986
_cell.angle_alpha   90.000
_cell.angle_beta   90.000
_cell.angle_gamma   120.000
#
_symmetry.space_group_name_H-M   'P 61 2 2'
#
loop_
_entity.id
_entity.type
_entity.pdbx_description
1 polymer 'Cysteine desulfurase'
2 polymer 'NifU-like protein'
3 non-polymer "PYRIDOXAL-5'-PHOSPHATE"
4 water water
#
loop_
_entity_poly.entity_id
_entity_poly.type
_entity_poly.pdbx_seq_one_letter_code
_entity_poly.pdbx_strand_id
1 'polypeptide(L)'
;MGSSHHHHHHGSMYGVYRAMKLPIYLDYSATTPVDPRVAEKMMQFMTMDGTFGNPASRSHRFGWQAEEAVDIARNQIADL
VGADPREIVFTSGATESDNLAIKGAANFYQKKGKHIITSKTEHKAVLDTCRQLEREGFEVTYLAPQRNGIIDLKELEAAM
RDDTILVSIMHVNNEIGVVQDIAAIGEMCRARGIIYHVDATQSVGKLPIDLSQLKVDLMSFSGHKIYGPKGIGALYVRRK
PRVRIEAQMHGGGHERGMRSGTLPVHQIVGMGEAYRIAKEEMATEMERLRGLRNRLWNGIKDIEEVYLNGDLEHGAPNIL
NVSFNYVEGESLIMALKDLAVSSGSACTSASLEPSYVLRALGLNDELAHSSIRFSLGRFTTEEEIDYTIELVRKSIGRLR
DLSPLWEMYKQGVDLNSIEWAHH
;
B
2 'polypeptide(L)'
;GSAYSEKVIDHYENPRNVGSFDNNDENVGSGMVGAPACGDVMKLQIKVNDEGIIEDARFKTYGCGSAIASSSLVTEWVKG
KSLDEAQAIKNTDIAEELELPPVKIHCSILAEDAIKAAIADYKSKREAK
;
A
#
# COMPACT_ATOMS: atom_id res chain seq x y z
N MET A 20 -23.69 -11.29 -3.22
CA MET A 20 -22.47 -11.14 -2.45
C MET A 20 -21.39 -12.10 -2.93
N LYS A 21 -20.34 -12.27 -2.13
CA LYS A 21 -19.22 -13.16 -2.44
C LYS A 21 -17.99 -12.75 -1.64
N LEU A 22 -17.71 -13.48 -0.57
CA LEU A 22 -16.55 -13.19 0.27
C LEU A 22 -15.34 -14.03 -0.12
N PRO A 23 -14.13 -13.47 0.06
CA PRO A 23 -13.93 -12.12 0.59
C PRO A 23 -14.16 -11.04 -0.47
N ILE A 24 -14.51 -9.84 -0.03
CA ILE A 24 -14.77 -8.72 -0.94
C ILE A 24 -13.47 -8.10 -1.42
N TYR A 25 -13.28 -8.08 -2.74
CA TYR A 25 -12.05 -7.55 -3.31
C TYR A 25 -12.00 -6.03 -3.30
N LEU A 26 -11.20 -5.48 -2.39
CA LEU A 26 -11.03 -4.03 -2.30
C LEU A 26 -9.57 -3.66 -2.46
N ASP A 27 -8.87 -4.40 -3.32
CA ASP A 27 -7.44 -4.18 -3.51
C ASP A 27 -7.10 -3.93 -4.98
N TYR A 28 -7.92 -3.13 -5.65
CA TYR A 28 -7.72 -2.84 -7.06
C TYR A 28 -6.41 -2.09 -7.32
N SER A 29 -5.88 -1.43 -6.29
CA SER A 29 -4.63 -0.70 -6.42
C SER A 29 -3.43 -1.63 -6.52
N ALA A 30 -3.56 -2.83 -5.99
CA ALA A 30 -2.52 -3.84 -6.13
C ALA A 30 -2.55 -4.40 -7.54
N THR A 31 -3.75 -4.70 -8.02
CA THR A 31 -3.93 -5.16 -9.40
C THR A 31 -5.42 -5.19 -9.75
N THR A 32 -5.71 -5.15 -11.04
CA THR A 32 -7.08 -5.21 -11.52
C THR A 32 -7.30 -6.39 -12.45
N PRO A 33 -8.50 -6.98 -12.43
CA PRO A 33 -8.87 -8.12 -13.27
C PRO A 33 -9.01 -7.73 -14.73
N VAL A 34 -8.35 -8.47 -15.62
CA VAL A 34 -8.40 -8.19 -17.04
C VAL A 34 -9.82 -8.23 -17.58
N ASP A 35 -10.28 -7.08 -18.07
CA ASP A 35 -11.59 -6.99 -18.69
C ASP A 35 -11.73 -8.01 -19.81
N PRO A 36 -12.88 -8.70 -19.88
CA PRO A 36 -13.13 -9.77 -20.86
C PRO A 36 -12.81 -9.35 -22.29
N ARG A 37 -13.18 -8.13 -22.66
CA ARG A 37 -12.93 -7.63 -24.01
C ARG A 37 -11.43 -7.54 -24.26
N VAL A 38 -10.69 -7.16 -23.23
CA VAL A 38 -9.23 -7.09 -23.32
C VAL A 38 -8.66 -8.47 -23.59
N ALA A 39 -9.19 -9.47 -22.91
CA ALA A 39 -8.67 -10.83 -22.98
C ALA A 39 -8.94 -11.48 -24.33
N GLU A 40 -10.20 -11.44 -24.76
CA GLU A 40 -10.59 -12.12 -25.99
C GLU A 40 -9.89 -11.54 -27.21
N LYS A 41 -9.39 -10.32 -27.08
CA LYS A 41 -8.63 -9.70 -28.16
C LYS A 41 -7.21 -10.23 -28.13
N MET A 42 -6.70 -10.50 -26.93
CA MET A 42 -5.36 -11.04 -26.75
C MET A 42 -5.24 -12.45 -27.33
N MET A 43 -6.31 -13.23 -27.22
CA MET A 43 -6.30 -14.61 -27.67
C MET A 43 -5.99 -14.76 -29.15
N GLN A 44 -6.29 -13.72 -29.91
CA GLN A 44 -6.17 -13.78 -31.36
C GLN A 44 -4.74 -13.50 -31.81
N PHE A 45 -3.83 -13.40 -30.85
CA PHE A 45 -2.43 -13.11 -31.14
C PHE A 45 -1.52 -14.05 -30.38
N MET A 46 -1.85 -15.34 -30.38
CA MET A 46 -1.10 -16.31 -29.62
C MET A 46 -0.89 -17.63 -30.36
N THR A 47 -1.98 -18.32 -30.65
CA THR A 47 -1.89 -19.66 -31.23
C THR A 47 -1.48 -19.63 -32.71
N MET A 48 -1.30 -20.80 -33.28
CA MET A 48 -0.83 -20.95 -34.65
C MET A 48 -1.82 -20.45 -35.69
N ASP A 49 -3.10 -20.44 -35.34
CA ASP A 49 -4.14 -19.98 -36.27
C ASP A 49 -4.44 -18.49 -36.09
N GLY A 50 -3.97 -17.93 -34.98
CA GLY A 50 -4.11 -16.50 -34.73
C GLY A 50 -2.98 -15.72 -35.37
N THR A 51 -2.77 -14.49 -34.91
CA THR A 51 -1.67 -13.66 -35.38
C THR A 51 -0.52 -13.71 -34.36
N PHE A 52 0.31 -14.74 -34.47
CA PHE A 52 1.33 -15.04 -33.47
C PHE A 52 2.71 -14.56 -33.88
N GLY A 53 2.79 -13.93 -35.05
CA GLY A 53 4.07 -13.57 -35.64
C GLY A 53 4.92 -12.60 -34.84
N ASN A 54 6.17 -12.47 -35.24
CA ASN A 54 7.09 -11.52 -34.64
C ASN A 54 7.16 -10.26 -35.49
N PRO A 55 6.80 -9.10 -34.92
CA PRO A 55 6.82 -7.81 -35.61
C PRO A 55 8.20 -7.50 -36.20
N ALA A 56 9.25 -7.99 -35.54
CA ALA A 56 10.63 -7.76 -35.99
C ALA A 56 10.92 -8.45 -37.33
N SER A 57 10.27 -9.58 -37.57
CA SER A 57 10.39 -10.26 -38.86
C SER A 57 9.80 -9.39 -39.96
N ARG A 58 10.67 -8.61 -40.60
CA ARG A 58 10.24 -7.64 -41.60
C ARG A 58 10.26 -8.20 -43.02
N SER A 59 10.15 -9.52 -43.15
CA SER A 59 10.31 -10.15 -44.45
C SER A 59 9.16 -11.07 -44.89
N HIS A 60 8.05 -11.05 -44.14
CA HIS A 60 6.91 -11.87 -44.51
C HIS A 60 5.61 -11.48 -43.82
N ARG A 61 4.51 -12.05 -44.32
CA ARG A 61 3.17 -11.72 -43.86
C ARG A 61 3.03 -11.77 -42.33
N PHE A 62 3.51 -12.85 -41.73
CA PHE A 62 3.38 -13.06 -40.29
C PHE A 62 3.88 -11.86 -39.48
N GLY A 63 5.08 -11.39 -39.82
CA GLY A 63 5.67 -10.28 -39.10
C GLY A 63 4.91 -8.99 -39.35
N TRP A 64 4.33 -8.87 -40.53
CA TRP A 64 3.61 -7.66 -40.92
C TRP A 64 2.28 -7.56 -40.18
N GLN A 65 1.53 -8.64 -40.17
CA GLN A 65 0.22 -8.64 -39.52
C GLN A 65 0.35 -8.34 -38.03
N ALA A 66 1.35 -8.94 -37.40
CA ALA A 66 1.65 -8.63 -36.00
C ALA A 66 2.01 -7.16 -35.88
N GLU A 67 2.84 -6.69 -36.79
CA GLU A 67 3.30 -5.30 -36.79
C GLU A 67 2.14 -4.31 -36.83
N GLU A 68 1.14 -4.61 -37.65
CA GLU A 68 -0.02 -3.74 -37.79
C GLU A 68 -0.84 -3.69 -36.50
N ALA A 69 -0.98 -4.83 -35.84
CA ALA A 69 -1.73 -4.88 -34.60
C ALA A 69 -1.02 -4.07 -33.53
N VAL A 70 0.30 -4.11 -33.55
CA VAL A 70 1.11 -3.35 -32.60
C VAL A 70 0.85 -1.87 -32.75
N ASP A 71 0.83 -1.40 -33.99
CA ASP A 71 0.61 0.01 -34.28
C ASP A 71 -0.74 0.46 -33.76
N ILE A 72 -1.78 -0.30 -34.07
CA ILE A 72 -3.12 -0.01 -33.59
C ILE A 72 -3.11 0.25 -32.09
N ALA A 73 -2.51 -0.68 -31.35
CA ALA A 73 -2.44 -0.56 -29.90
C ALA A 73 -1.62 0.65 -29.48
N ARG A 74 -0.49 0.86 -30.14
CA ARG A 74 0.37 1.99 -29.83
C ARG A 74 -0.40 3.30 -29.95
N ASN A 75 -1.27 3.37 -30.95
CA ASN A 75 -2.12 4.54 -31.15
C ASN A 75 -3.25 4.62 -30.13
N GLN A 76 -3.86 3.47 -29.84
CA GLN A 76 -4.93 3.40 -28.85
C GLN A 76 -4.45 3.99 -27.53
N ILE A 77 -3.23 3.63 -27.16
CA ILE A 77 -2.61 4.13 -25.94
C ILE A 77 -2.33 5.62 -26.04
N ALA A 78 -1.80 6.04 -27.20
CA ALA A 78 -1.47 7.43 -27.42
C ALA A 78 -2.70 8.34 -27.37
N ASP A 79 -3.79 7.89 -27.96
CA ASP A 79 -5.01 8.69 -28.04
C ASP A 79 -5.59 8.97 -26.66
N LEU A 80 -5.37 8.05 -25.74
CA LEU A 80 -5.93 8.14 -24.40
C LEU A 80 -5.24 9.24 -23.59
N VAL A 81 -3.99 9.55 -23.96
CA VAL A 81 -3.20 10.51 -23.20
C VAL A 81 -2.85 11.74 -24.04
N GLY A 82 -3.32 11.76 -25.28
CA GLY A 82 -3.07 12.91 -26.15
C GLY A 82 -1.63 13.04 -26.57
N ALA A 83 -1.01 11.93 -26.94
CA ALA A 83 0.38 11.92 -27.34
C ALA A 83 0.54 11.40 -28.76
N ASP A 84 1.72 11.63 -29.33
CA ASP A 84 2.08 11.06 -30.62
C ASP A 84 2.54 9.64 -30.39
N PRO A 85 1.97 8.68 -31.13
CA PRO A 85 2.29 7.25 -30.95
C PRO A 85 3.78 6.97 -30.99
N ARG A 86 4.54 7.79 -31.70
CA ARG A 86 6.00 7.63 -31.75
C ARG A 86 6.65 7.90 -30.39
N GLU A 87 5.99 8.72 -29.58
CA GLU A 87 6.47 9.04 -28.25
C GLU A 87 6.20 7.89 -27.28
N ILE A 88 5.54 6.85 -27.75
CA ILE A 88 5.20 5.71 -26.91
C ILE A 88 6.25 4.60 -26.98
N VAL A 89 6.93 4.38 -25.86
CA VAL A 89 7.94 3.34 -25.76
C VAL A 89 7.41 2.20 -24.91
N PHE A 90 7.47 0.99 -25.44
CA PHE A 90 6.94 -0.16 -24.72
C PHE A 90 7.93 -0.75 -23.71
N THR A 91 7.43 -1.06 -22.53
CA THR A 91 8.22 -1.72 -21.51
C THR A 91 7.48 -2.95 -20.98
N SER A 92 8.01 -3.51 -19.90
CA SER A 92 7.43 -4.69 -19.28
C SER A 92 6.44 -4.29 -18.18
N GLY A 93 6.46 -3.01 -17.81
CA GLY A 93 5.58 -2.53 -16.78
C GLY A 93 5.99 -1.15 -16.30
N ALA A 94 5.24 -0.62 -15.34
CA ALA A 94 5.50 0.71 -14.81
C ALA A 94 6.83 0.75 -14.06
N THR A 95 7.24 -0.37 -13.49
CA THR A 95 8.51 -0.42 -12.80
C THR A 95 9.64 -0.16 -13.78
N GLU A 96 9.65 -0.90 -14.89
CA GLU A 96 10.69 -0.70 -15.88
C GLU A 96 10.63 0.72 -16.45
N SER A 97 9.41 1.19 -16.71
CA SER A 97 9.23 2.56 -17.21
C SER A 97 9.89 3.54 -16.26
N ASP A 98 9.54 3.47 -14.99
CA ASP A 98 10.13 4.33 -13.98
C ASP A 98 11.65 4.24 -14.00
N ASN A 99 12.17 3.03 -14.08
CA ASN A 99 13.62 2.84 -14.17
C ASN A 99 14.19 3.49 -15.42
N LEU A 100 13.60 3.18 -16.57
CA LEU A 100 14.07 3.72 -17.84
C LEU A 100 14.06 5.23 -17.81
N ALA A 101 12.91 5.80 -17.44
CA ALA A 101 12.74 7.25 -17.41
C ALA A 101 13.83 7.94 -16.62
N ILE A 102 13.93 7.62 -15.34
CA ILE A 102 14.84 8.32 -14.43
C ILE A 102 16.30 7.98 -14.68
N LYS A 103 16.58 6.73 -15.06
CA LYS A 103 17.95 6.31 -15.32
C LYS A 103 18.45 6.83 -16.67
N GLY A 104 17.63 6.64 -17.70
CA GLY A 104 17.98 7.07 -19.04
C GLY A 104 18.34 8.54 -19.13
N ALA A 105 17.47 9.39 -18.58
CA ALA A 105 17.64 10.82 -18.64
C ALA A 105 18.81 11.29 -17.78
N ALA A 106 18.93 10.72 -16.59
CA ALA A 106 19.99 11.08 -15.67
C ALA A 106 21.36 10.83 -16.26
N ASN A 107 21.50 9.68 -16.93
CA ASN A 107 22.77 9.34 -17.59
C ASN A 107 23.00 10.15 -18.85
N PHE A 108 21.93 10.60 -19.48
CA PHE A 108 22.04 11.41 -20.68
C PHE A 108 22.42 12.85 -20.33
N TYR A 109 21.60 13.50 -19.50
CA TYR A 109 21.80 14.90 -19.18
C TYR A 109 22.71 15.11 -17.98
N GLN A 110 23.57 14.14 -17.70
CA GLN A 110 24.42 14.20 -16.51
C GLN A 110 25.47 15.30 -16.58
N LYS A 111 25.85 15.69 -17.80
CA LYS A 111 26.90 16.69 -17.96
C LYS A 111 26.42 18.06 -17.52
N LYS A 112 25.12 18.32 -17.69
CA LYS A 112 24.52 19.58 -17.25
C LYS A 112 24.45 19.63 -15.73
N GLY A 113 24.23 18.48 -15.11
CA GLY A 113 24.16 18.39 -13.67
C GLY A 113 23.90 16.97 -13.19
N LYS A 114 23.96 16.76 -11.88
CA LYS A 114 23.74 15.44 -11.31
C LYS A 114 22.77 15.47 -10.12
N HIS A 115 21.95 16.52 -10.06
CA HIS A 115 20.99 16.66 -8.97
C HIS A 115 19.57 16.32 -9.41
N ILE A 116 18.90 15.49 -8.60
CA ILE A 116 17.55 15.04 -8.91
C ILE A 116 16.62 15.31 -7.73
N ILE A 117 15.38 15.69 -8.03
CA ILE A 117 14.39 15.99 -6.99
C ILE A 117 13.20 15.05 -7.11
N THR A 118 12.65 14.65 -5.96
CA THR A 118 11.54 13.70 -5.92
C THR A 118 10.83 13.72 -4.58
N SER A 119 9.69 13.04 -4.51
CA SER A 119 8.89 13.01 -3.28
C SER A 119 9.16 11.76 -2.46
N LYS A 120 9.26 11.93 -1.15
CA LYS A 120 9.51 10.81 -0.23
C LYS A 120 8.43 9.74 -0.35
N THR A 121 7.26 10.14 -0.87
CA THR A 121 6.11 9.24 -0.93
C THR A 121 5.99 8.53 -2.28
N GLU A 122 6.99 8.72 -3.14
CA GLU A 122 7.00 8.07 -4.44
C GLU A 122 6.98 6.55 -4.29
N HIS A 123 6.43 5.88 -5.30
CA HIS A 123 6.43 4.43 -5.33
C HIS A 123 7.86 3.89 -5.28
N LYS A 124 8.03 2.69 -4.75
CA LYS A 124 9.36 2.10 -4.62
C LYS A 124 10.15 2.13 -5.92
N ALA A 125 9.47 1.84 -7.03
CA ALA A 125 10.14 1.76 -8.33
C ALA A 125 10.95 3.02 -8.61
N VAL A 126 10.50 4.13 -8.04
CA VAL A 126 11.19 5.41 -8.21
C VAL A 126 12.27 5.61 -7.16
N LEU A 127 11.89 5.44 -5.90
CA LEU A 127 12.81 5.66 -4.79
C LEU A 127 14.03 4.75 -4.88
N ASP A 128 13.80 3.45 -5.00
CA ASP A 128 14.88 2.48 -5.07
C ASP A 128 15.79 2.77 -6.26
N THR A 129 15.23 3.33 -7.32
CA THR A 129 16.02 3.73 -8.47
C THR A 129 16.97 4.86 -8.09
N CYS A 130 16.46 5.80 -7.30
CA CYS A 130 17.26 6.95 -6.88
C CYS A 130 18.31 6.54 -5.86
N ARG A 131 18.01 5.53 -5.04
CA ARG A 131 18.99 5.02 -4.11
C ARG A 131 20.17 4.44 -4.87
N GLN A 132 19.88 3.70 -5.94
CA GLN A 132 20.93 3.13 -6.77
C GLN A 132 21.75 4.22 -7.43
N LEU A 133 21.05 5.21 -7.97
CA LEU A 133 21.72 6.32 -8.65
C LEU A 133 22.62 7.08 -7.70
N GLU A 134 22.15 7.28 -6.47
CA GLU A 134 22.97 7.94 -5.46
C GLU A 134 24.31 7.23 -5.29
N ARG A 135 24.28 5.90 -5.30
CA ARG A 135 25.50 5.13 -5.14
C ARG A 135 26.29 5.08 -6.44
N GLU A 136 25.73 5.69 -7.49
CA GLU A 136 26.43 5.79 -8.77
C GLU A 136 27.10 7.16 -8.92
N GLY A 137 26.78 8.08 -8.03
CA GLY A 137 27.43 9.39 -8.04
C GLY A 137 26.47 10.57 -8.10
N PHE A 138 25.20 10.29 -8.32
CA PHE A 138 24.19 11.34 -8.41
C PHE A 138 23.74 11.82 -7.03
N GLU A 139 23.06 12.96 -7.01
CA GLU A 139 22.58 13.56 -5.77
C GLU A 139 21.07 13.72 -5.80
N VAL A 140 20.38 13.02 -4.90
CA VAL A 140 18.92 13.02 -4.90
C VAL A 140 18.35 13.74 -3.68
N THR A 141 17.36 14.60 -3.91
CA THR A 141 16.66 15.29 -2.84
C THR A 141 15.22 14.79 -2.70
N TYR A 142 14.96 14.03 -1.64
CA TYR A 142 13.64 13.47 -1.38
C TYR A 142 12.79 14.46 -0.58
N LEU A 143 11.80 15.05 -1.24
CA LEU A 143 10.97 16.08 -0.61
C LEU A 143 9.87 15.52 0.27
N ALA A 144 9.69 16.13 1.43
CA ALA A 144 8.61 15.75 2.34
C ALA A 144 7.32 16.48 1.97
N PRO A 145 6.20 15.75 1.93
CA PRO A 145 4.91 16.33 1.59
C PRO A 145 4.21 16.83 2.84
N GLN A 146 3.17 17.65 2.67
CA GLN A 146 2.40 18.15 3.78
C GLN A 146 1.60 17.02 4.41
N ARG A 147 1.00 17.28 5.57
CA ARG A 147 0.24 16.26 6.28
C ARG A 147 -0.86 15.69 5.41
N ASN A 148 -1.28 16.44 4.40
CA ASN A 148 -2.33 15.96 3.50
C ASN A 148 -1.76 15.23 2.29
N GLY A 149 -0.44 15.08 2.24
CA GLY A 149 0.23 14.37 1.17
C GLY A 149 0.60 15.26 0.00
N ILE A 150 -0.14 16.36 -0.16
CA ILE A 150 0.16 17.33 -1.21
C ILE A 150 1.57 17.89 -1.04
N ILE A 151 2.28 18.03 -2.15
CA ILE A 151 3.59 18.65 -2.13
C ILE A 151 3.48 20.17 -2.20
N ASP A 152 4.21 20.85 -1.33
CA ASP A 152 4.25 22.30 -1.36
C ASP A 152 5.20 22.76 -2.47
N LEU A 153 4.64 23.46 -3.46
CA LEU A 153 5.41 23.87 -4.62
C LEU A 153 6.51 24.87 -4.28
N LYS A 154 6.28 25.67 -3.24
CA LYS A 154 7.31 26.60 -2.78
C LYS A 154 8.56 25.84 -2.38
N GLU A 155 8.37 24.71 -1.72
CA GLU A 155 9.48 23.88 -1.27
C GLU A 155 10.19 23.22 -2.45
N LEU A 156 9.40 22.70 -3.39
CA LEU A 156 9.96 22.14 -4.60
C LEU A 156 10.87 23.14 -5.28
N GLU A 157 10.41 24.39 -5.34
CA GLU A 157 11.15 25.45 -6.02
C GLU A 157 12.46 25.78 -5.31
N ALA A 158 12.40 25.86 -3.98
CA ALA A 158 13.57 26.15 -3.18
C ALA A 158 14.64 25.10 -3.42
N ALA A 159 14.21 23.86 -3.61
CA ALA A 159 15.11 22.73 -3.80
C ALA A 159 15.81 22.75 -5.16
N MET A 160 15.23 23.44 -6.13
CA MET A 160 15.78 23.50 -7.47
C MET A 160 17.06 24.33 -7.53
N ARG A 161 18.08 23.79 -8.21
CA ARG A 161 19.33 24.49 -8.39
C ARG A 161 19.72 24.49 -9.86
N ASP A 162 20.75 25.26 -10.20
CA ASP A 162 21.20 25.36 -11.59
C ASP A 162 21.59 24.01 -12.17
N ASP A 163 21.97 23.08 -11.29
CA ASP A 163 22.43 21.76 -11.72
C ASP A 163 21.37 20.68 -11.55
N THR A 164 20.15 21.09 -11.20
CA THR A 164 19.03 20.16 -11.17
C THR A 164 18.70 19.79 -12.61
N ILE A 165 18.69 18.49 -12.92
CA ILE A 165 18.44 18.04 -14.28
C ILE A 165 17.12 17.28 -14.43
N LEU A 166 16.67 16.66 -13.34
CA LEU A 166 15.46 15.85 -13.41
C LEU A 166 14.62 15.94 -12.14
N VAL A 167 13.31 16.03 -12.33
CA VAL A 167 12.35 16.00 -11.24
C VAL A 167 11.30 14.94 -11.52
N SER A 168 11.02 14.10 -10.52
CA SER A 168 9.99 13.09 -10.68
C SER A 168 8.94 13.17 -9.58
N ILE A 169 7.74 13.59 -9.95
CA ILE A 169 6.62 13.59 -9.02
C ILE A 169 5.45 12.84 -9.65
N MET A 170 4.90 11.89 -8.92
CA MET A 170 3.83 11.04 -9.44
C MET A 170 2.50 11.79 -9.42
N HIS A 171 1.60 11.35 -10.30
CA HIS A 171 0.27 11.94 -10.36
C HIS A 171 -0.52 11.51 -9.13
N VAL A 172 -1.19 10.37 -9.23
CA VAL A 172 -1.92 9.81 -8.10
C VAL A 172 -1.03 8.87 -7.30
N ASN A 173 -1.07 9.02 -5.99
CA ASN A 173 -0.29 8.19 -5.08
C ASN A 173 -0.95 6.82 -4.88
N ASN A 174 -0.15 5.76 -4.86
CA ASN A 174 -0.70 4.40 -4.80
C ASN A 174 -1.16 3.94 -3.42
N GLU A 175 -0.73 4.63 -2.37
CA GLU A 175 -1.13 4.28 -1.02
C GLU A 175 -2.30 5.11 -0.50
N ILE A 176 -2.29 6.41 -0.78
CA ILE A 176 -3.32 7.30 -0.24
C ILE A 176 -4.15 8.03 -1.32
N GLY A 177 -3.70 7.93 -2.57
CA GLY A 177 -4.47 8.45 -3.68
C GLY A 177 -4.53 9.96 -3.82
N VAL A 178 -3.61 10.65 -3.15
CA VAL A 178 -3.53 12.11 -3.27
C VAL A 178 -3.09 12.48 -4.69
N VAL A 179 -3.56 13.63 -5.16
CA VAL A 179 -3.28 14.08 -6.53
C VAL A 179 -2.40 15.33 -6.53
N GLN A 180 -1.17 15.19 -7.02
CA GLN A 180 -0.26 16.31 -7.14
C GLN A 180 -0.56 17.12 -8.41
N ASP A 181 -0.47 18.43 -8.31
CA ASP A 181 -0.70 19.29 -9.46
C ASP A 181 0.46 19.16 -10.43
N ILE A 182 0.46 18.08 -11.20
CA ILE A 182 1.54 17.82 -12.15
C ILE A 182 1.65 18.93 -13.20
N ALA A 183 0.53 19.58 -13.49
CA ALA A 183 0.51 20.67 -14.46
C ALA A 183 1.37 21.84 -13.98
N ALA A 184 1.12 22.28 -12.75
CA ALA A 184 1.87 23.40 -12.18
C ALA A 184 3.35 23.09 -12.07
N ILE A 185 3.67 21.86 -11.68
CA ILE A 185 5.05 21.42 -11.56
C ILE A 185 5.74 21.42 -12.92
N GLY A 186 5.01 20.96 -13.93
CA GLY A 186 5.53 20.93 -15.29
C GLY A 186 5.98 22.29 -15.76
N GLU A 187 5.21 23.32 -15.42
CA GLU A 187 5.56 24.69 -15.78
C GLU A 187 6.88 25.07 -15.12
N MET A 188 6.95 24.93 -13.80
CA MET A 188 8.15 25.24 -13.05
C MET A 188 9.39 24.61 -13.70
N CYS A 189 9.29 23.34 -14.03
CA CYS A 189 10.41 22.60 -14.60
C CYS A 189 10.81 23.14 -15.96
N ARG A 190 9.87 23.08 -16.91
CA ARG A 190 10.09 23.62 -18.25
C ARG A 190 10.74 25.00 -18.16
N ALA A 191 10.25 25.81 -17.23
CA ALA A 191 10.75 27.17 -17.04
C ALA A 191 12.24 27.21 -16.75
N ARG A 192 12.70 26.31 -15.87
CA ARG A 192 14.11 26.26 -15.53
C ARG A 192 14.87 25.25 -16.37
N GLY A 193 14.20 24.70 -17.38
CA GLY A 193 14.80 23.73 -18.27
C GLY A 193 15.18 22.44 -17.56
N ILE A 194 14.29 21.96 -16.68
CA ILE A 194 14.52 20.73 -15.95
C ILE A 194 13.60 19.64 -16.49
N ILE A 195 14.16 18.47 -16.77
CA ILE A 195 13.35 17.35 -17.22
C ILE A 195 12.37 16.96 -16.12
N TYR A 196 11.12 16.74 -16.50
CA TYR A 196 10.10 16.41 -15.51
C TYR A 196 9.41 15.10 -15.82
N HIS A 197 9.56 14.14 -14.91
CA HIS A 197 8.97 12.81 -15.07
C HIS A 197 7.77 12.62 -14.15
N VAL A 198 6.75 11.93 -14.65
CA VAL A 198 5.54 11.67 -13.87
C VAL A 198 5.15 10.19 -13.88
N ASP A 199 5.17 9.59 -12.69
CA ASP A 199 4.65 8.24 -12.52
C ASP A 199 3.12 8.30 -12.49
N ALA A 200 2.51 8.12 -13.66
CA ALA A 200 1.07 8.30 -13.79
C ALA A 200 0.33 6.97 -13.78
N THR A 201 0.95 5.94 -13.20
CA THR A 201 0.41 4.59 -13.26
C THR A 201 -0.95 4.43 -12.61
N GLN A 202 -1.18 5.16 -11.52
CA GLN A 202 -2.44 5.07 -10.79
C GLN A 202 -3.52 5.98 -11.35
N SER A 203 -3.15 6.86 -12.27
CA SER A 203 -4.07 7.88 -12.76
C SER A 203 -4.56 7.64 -14.18
N VAL A 204 -3.80 6.88 -14.96
CA VAL A 204 -4.19 6.61 -16.34
C VAL A 204 -5.55 5.94 -16.40
N GLY A 205 -6.42 6.46 -17.25
CA GLY A 205 -7.74 5.89 -17.42
C GLY A 205 -8.68 6.22 -16.28
N LYS A 206 -8.16 6.93 -15.28
CA LYS A 206 -8.99 7.42 -14.18
C LYS A 206 -9.10 8.93 -14.28
N LEU A 207 -7.99 9.61 -14.03
CA LEU A 207 -7.92 11.05 -14.23
C LEU A 207 -7.50 11.36 -15.66
N PRO A 208 -8.05 12.45 -16.23
CA PRO A 208 -7.80 12.83 -17.62
C PRO A 208 -6.37 13.31 -17.84
N ILE A 209 -5.76 12.89 -18.94
CA ILE A 209 -4.40 13.28 -19.25
C ILE A 209 -4.25 13.71 -20.71
N ASP A 210 -3.67 14.89 -20.93
CA ASP A 210 -3.43 15.39 -22.27
C ASP A 210 -2.01 15.97 -22.39
N LEU A 211 -1.09 15.18 -22.92
CA LEU A 211 0.30 15.57 -23.01
C LEU A 211 0.56 16.72 -23.98
N SER A 212 -0.47 17.12 -24.73
CA SER A 212 -0.34 18.24 -25.66
C SER A 212 -0.57 19.55 -24.92
N GLN A 213 -1.21 19.46 -23.76
CA GLN A 213 -1.39 20.61 -22.87
C GLN A 213 -0.29 20.60 -21.81
N LEU A 214 -0.05 19.42 -21.24
CA LEU A 214 0.87 19.25 -20.11
C LEU A 214 2.33 19.44 -20.48
N LYS A 215 3.06 20.11 -19.59
CA LYS A 215 4.49 20.31 -19.74
C LYS A 215 5.29 19.16 -19.11
N VAL A 216 4.82 17.93 -19.35
CA VAL A 216 5.48 16.74 -18.82
C VAL A 216 6.39 16.12 -19.86
N ASP A 217 7.65 15.87 -19.47
CA ASP A 217 8.66 15.37 -20.40
C ASP A 217 8.68 13.85 -20.48
N LEU A 218 8.39 13.18 -19.36
CA LEU A 218 8.42 11.73 -19.29
C LEU A 218 7.29 11.20 -18.41
N MET A 219 6.54 10.22 -18.92
CA MET A 219 5.43 9.66 -18.16
C MET A 219 5.38 8.14 -18.26
N SER A 220 5.09 7.49 -17.13
CA SER A 220 5.06 6.03 -17.06
C SER A 220 3.64 5.52 -16.89
N PHE A 221 3.26 4.55 -17.70
CA PHE A 221 2.00 3.86 -17.50
C PHE A 221 2.19 2.35 -17.54
N SER A 222 1.32 1.64 -16.82
CA SER A 222 1.21 0.20 -16.96
C SER A 222 -0.23 -0.13 -17.34
N GLY A 223 -0.53 -1.41 -17.52
CA GLY A 223 -1.84 -1.81 -17.98
C GLY A 223 -2.70 -2.48 -16.92
N HIS A 224 -2.07 -3.27 -16.07
CA HIS A 224 -2.80 -4.11 -15.10
C HIS A 224 -3.43 -3.31 -13.97
N LYS A 225 -3.22 -2.00 -13.96
CA LYS A 225 -3.83 -1.13 -12.95
C LYS A 225 -5.16 -0.61 -13.47
N ILE A 226 -5.37 -0.76 -14.77
CA ILE A 226 -6.59 -0.29 -15.43
C ILE A 226 -7.24 -1.42 -16.23
N TYR A 227 -7.14 -2.63 -15.70
CA TYR A 227 -7.83 -3.80 -16.24
C TYR A 227 -7.18 -4.37 -17.50
N GLY A 228 -5.88 -4.18 -17.63
CA GLY A 228 -5.10 -4.80 -18.68
C GLY A 228 -4.26 -5.93 -18.10
N PRO A 229 -3.51 -6.64 -18.95
CA PRO A 229 -2.66 -7.73 -18.50
C PRO A 229 -1.42 -7.23 -17.76
N LYS A 230 -0.93 -8.01 -16.80
CA LYS A 230 0.30 -7.66 -16.09
C LYS A 230 1.49 -7.90 -17.01
N GLY A 231 2.62 -7.31 -16.67
CA GLY A 231 3.85 -7.54 -17.40
C GLY A 231 3.91 -6.79 -18.71
N ILE A 232 3.24 -5.64 -18.75
CA ILE A 232 3.28 -4.78 -19.92
C ILE A 232 3.03 -3.34 -19.50
N GLY A 233 3.87 -2.43 -20.00
CA GLY A 233 3.73 -1.02 -19.71
C GLY A 233 4.24 -0.16 -20.84
N ALA A 234 4.25 1.15 -20.62
CA ALA A 234 4.73 2.08 -21.62
C ALA A 234 5.48 3.24 -20.98
N LEU A 235 6.25 3.96 -21.79
CA LEU A 235 6.94 5.15 -21.34
C LEU A 235 6.83 6.25 -22.39
N TYR A 236 6.16 7.34 -22.03
CA TYR A 236 6.06 8.49 -22.90
C TYR A 236 7.37 9.29 -22.86
N VAL A 237 8.00 9.43 -24.01
CA VAL A 237 9.17 10.28 -24.12
C VAL A 237 8.89 11.41 -25.11
N ARG A 238 8.81 12.62 -24.58
CA ARG A 238 8.40 13.79 -25.36
C ARG A 238 9.22 13.96 -26.63
N ARG A 239 8.53 14.27 -27.72
CA ARG A 239 9.17 14.47 -29.00
C ARG A 239 9.48 15.95 -29.26
N LYS A 240 8.64 16.83 -28.72
CA LYS A 240 8.81 18.27 -28.92
C LYS A 240 8.35 19.09 -27.72
N PRO A 241 9.28 19.75 -27.03
CA PRO A 241 10.72 19.71 -27.32
C PRO A 241 11.34 18.34 -27.02
N ARG A 242 12.16 17.84 -27.93
CA ARG A 242 12.76 16.52 -27.82
C ARG A 242 13.40 16.27 -26.46
N VAL A 243 12.96 15.20 -25.81
CA VAL A 243 13.62 14.70 -24.60
C VAL A 243 14.39 13.45 -24.97
N ARG A 244 15.64 13.35 -24.52
CA ARG A 244 16.47 12.20 -24.85
C ARG A 244 16.88 11.40 -23.62
N ILE A 245 16.93 10.08 -23.78
CA ILE A 245 17.29 9.18 -22.69
C ILE A 245 18.22 8.09 -23.20
N GLU A 246 19.04 7.56 -22.29
CA GLU A 246 19.93 6.46 -22.64
C GLU A 246 19.26 5.13 -22.36
N ALA A 247 19.19 4.28 -23.39
CA ALA A 247 18.54 2.99 -23.26
C ALA A 247 19.17 2.17 -22.14
N GLN A 248 18.35 1.44 -21.40
CA GLN A 248 18.83 0.58 -20.34
C GLN A 248 18.72 -0.89 -20.73
N MET A 249 18.05 -1.15 -21.85
CA MET A 249 17.87 -2.50 -22.34
C MET A 249 18.42 -2.59 -23.76
N HIS A 250 19.59 -3.21 -23.91
CA HIS A 250 20.28 -3.23 -25.19
C HIS A 250 20.08 -4.55 -25.93
N GLY A 251 20.22 -4.49 -27.25
CA GLY A 251 20.09 -5.68 -28.08
C GLY A 251 19.25 -5.49 -29.32
N GLY A 252 19.72 -4.63 -30.22
CA GLY A 252 19.04 -4.40 -31.48
C GLY A 252 18.50 -3.00 -31.64
N GLY A 253 18.47 -2.25 -30.55
CA GLY A 253 18.02 -0.87 -30.57
C GLY A 253 16.57 -0.70 -31.00
N HIS A 254 15.69 -1.53 -30.45
CA HIS A 254 14.27 -1.46 -30.77
C HIS A 254 13.63 -0.28 -30.07
N GLU A 255 12.35 -0.05 -30.34
CA GLU A 255 11.65 1.11 -29.80
C GLU A 255 12.46 2.37 -30.01
N ARG A 256 12.89 2.58 -31.25
CA ARG A 256 13.68 3.75 -31.61
C ARG A 256 14.99 3.81 -30.83
N GLY A 257 15.50 2.64 -30.47
CA GLY A 257 16.77 2.53 -29.78
C GLY A 257 16.71 2.89 -28.31
N MET A 258 15.51 2.85 -27.74
CA MET A 258 15.34 3.16 -26.33
C MET A 258 15.07 1.92 -25.48
N ARG A 259 14.55 0.87 -26.12
CA ARG A 259 14.16 -0.34 -25.40
C ARG A 259 14.21 -1.56 -26.32
N SER A 260 15.30 -2.30 -26.24
CA SER A 260 15.48 -3.48 -27.09
C SER A 260 14.72 -4.68 -26.53
N GLY A 261 14.42 -5.64 -27.40
CA GLY A 261 13.68 -6.82 -27.02
C GLY A 261 12.44 -7.00 -27.87
N THR A 262 12.02 -8.25 -28.04
CA THR A 262 10.85 -8.55 -28.84
C THR A 262 9.62 -7.89 -28.25
N LEU A 263 8.80 -7.30 -29.10
CA LEU A 263 7.54 -6.71 -28.64
C LEU A 263 6.50 -7.80 -28.41
N PRO A 264 6.07 -7.96 -27.14
CA PRO A 264 5.02 -8.91 -26.74
C PRO A 264 3.66 -8.51 -27.31
N VAL A 265 3.38 -8.95 -28.54
CA VAL A 265 2.16 -8.54 -29.25
C VAL A 265 0.89 -8.73 -28.43
N HIS A 266 0.60 -9.96 -28.05
CA HIS A 266 -0.64 -10.25 -27.32
C HIS A 266 -0.76 -9.39 -26.06
N GLN A 267 0.39 -9.07 -25.46
CA GLN A 267 0.42 -8.23 -24.28
C GLN A 267 0.13 -6.79 -24.65
N ILE A 268 0.70 -6.36 -25.77
CA ILE A 268 0.53 -5.01 -26.27
C ILE A 268 -0.90 -4.75 -26.72
N VAL A 269 -1.43 -5.70 -27.51
CA VAL A 269 -2.83 -5.65 -27.91
C VAL A 269 -3.70 -5.47 -26.68
N GLY A 270 -3.41 -6.26 -25.64
CA GLY A 270 -4.14 -6.18 -24.40
C GLY A 270 -4.19 -4.76 -23.88
N MET A 271 -3.01 -4.14 -23.77
CA MET A 271 -2.91 -2.77 -23.29
C MET A 271 -3.71 -1.82 -24.18
N GLY A 272 -3.37 -1.79 -25.47
CA GLY A 272 -4.06 -0.95 -26.42
C GLY A 272 -5.57 -1.03 -26.28
N GLU A 273 -6.08 -2.25 -26.11
CA GLU A 273 -7.51 -2.47 -26.00
C GLU A 273 -8.08 -1.95 -24.69
N ALA A 274 -7.33 -2.15 -23.60
CA ALA A 274 -7.76 -1.69 -22.29
C ALA A 274 -7.77 -0.18 -22.23
N TYR A 275 -6.93 0.45 -23.04
CA TYR A 275 -6.86 1.91 -23.12
C TYR A 275 -7.97 2.49 -23.97
N ARG A 276 -8.35 1.76 -25.02
CA ARG A 276 -9.46 2.19 -25.86
C ARG A 276 -10.74 2.15 -25.05
N ILE A 277 -10.86 1.12 -24.21
CA ILE A 277 -12.02 0.98 -23.33
C ILE A 277 -12.03 2.07 -22.28
N ALA A 278 -10.87 2.31 -21.67
CA ALA A 278 -10.73 3.36 -20.67
C ALA A 278 -11.25 4.68 -21.21
N LYS A 279 -10.82 5.02 -22.42
CA LYS A 279 -11.18 6.30 -23.01
C LYS A 279 -12.68 6.53 -23.02
N GLU A 280 -13.43 5.44 -23.19
CA GLU A 280 -14.89 5.51 -23.30
C GLU A 280 -15.55 5.60 -21.92
N GLU A 281 -15.28 4.60 -21.09
CA GLU A 281 -16.05 4.37 -19.87
C GLU A 281 -15.46 5.09 -18.66
N MET A 282 -14.30 5.71 -18.84
CA MET A 282 -13.62 6.40 -17.76
C MET A 282 -14.45 7.53 -17.16
N ALA A 283 -15.14 8.28 -18.02
CA ALA A 283 -15.92 9.43 -17.59
C ALA A 283 -16.93 9.07 -16.51
N THR A 284 -17.86 8.19 -16.84
CA THR A 284 -18.94 7.83 -15.93
C THR A 284 -18.42 7.00 -14.75
N GLU A 285 -17.63 5.98 -15.07
CA GLU A 285 -17.11 5.07 -14.07
C GLU A 285 -16.41 5.78 -12.92
N MET A 286 -15.57 6.76 -13.25
CA MET A 286 -14.79 7.45 -12.23
C MET A 286 -15.65 8.27 -11.27
N GLU A 287 -16.80 8.75 -11.75
CA GLU A 287 -17.70 9.51 -10.90
C GLU A 287 -18.55 8.57 -10.06
N ARG A 288 -18.73 7.34 -10.53
CA ARG A 288 -19.43 6.33 -9.77
C ARG A 288 -18.58 5.92 -8.57
N LEU A 289 -17.31 5.62 -8.84
CA LEU A 289 -16.38 5.25 -7.80
C LEU A 289 -16.31 6.35 -6.75
N ARG A 290 -16.37 7.59 -7.19
CA ARG A 290 -16.29 8.72 -6.29
C ARG A 290 -17.46 8.70 -5.30
N GLY A 291 -18.61 8.26 -5.79
CA GLY A 291 -19.80 8.16 -4.96
C GLY A 291 -19.67 7.09 -3.90
N LEU A 292 -19.08 5.97 -4.28
CA LEU A 292 -18.86 4.87 -3.35
C LEU A 292 -17.83 5.27 -2.31
N ARG A 293 -16.67 5.72 -2.77
CA ARG A 293 -15.60 6.14 -1.88
C ARG A 293 -16.16 7.11 -0.84
N ASN A 294 -16.94 8.08 -1.30
CA ASN A 294 -17.59 9.01 -0.39
C ASN A 294 -18.52 8.27 0.58
N ARG A 295 -19.34 7.38 0.02
CA ARG A 295 -20.24 6.57 0.82
C ARG A 295 -19.48 5.85 1.92
N LEU A 296 -18.36 5.24 1.52
CA LEU A 296 -17.52 4.49 2.45
C LEU A 296 -17.02 5.36 3.59
N TRP A 297 -16.39 6.48 3.24
CA TRP A 297 -15.89 7.40 4.25
C TRP A 297 -17.02 7.93 5.12
N ASN A 298 -18.17 8.17 4.50
CA ASN A 298 -19.36 8.60 5.24
C ASN A 298 -19.65 7.65 6.39
N GLY A 299 -19.64 6.36 6.09
CA GLY A 299 -20.03 5.34 7.05
C GLY A 299 -19.03 5.05 8.16
N ILE A 300 -17.83 5.61 8.06
CA ILE A 300 -16.81 5.34 9.06
C ILE A 300 -16.17 6.60 9.64
N LYS A 301 -16.43 7.75 9.02
CA LYS A 301 -15.83 8.98 9.50
C LYS A 301 -16.34 9.38 10.89
N ASP A 302 -17.46 8.81 11.29
CA ASP A 302 -18.04 9.12 12.59
C ASP A 302 -17.43 8.30 13.73
N ILE A 303 -16.72 7.23 13.39
CA ILE A 303 -16.02 6.42 14.38
C ILE A 303 -15.01 7.28 15.13
N GLU A 304 -15.01 7.16 16.46
CA GLU A 304 -14.31 8.13 17.31
C GLU A 304 -12.98 8.65 16.78
N GLU A 305 -11.95 7.82 16.80
CA GLU A 305 -10.63 8.28 16.35
C GLU A 305 -10.14 7.60 15.08
N VAL A 306 -10.78 7.92 13.96
CA VAL A 306 -10.33 7.45 12.66
C VAL A 306 -9.71 8.63 11.92
N TYR A 307 -8.69 8.35 11.12
CA TYR A 307 -7.98 9.41 10.42
C TYR A 307 -7.91 9.15 8.93
N LEU A 308 -8.32 10.13 8.14
CA LEU A 308 -8.22 10.05 6.69
C LEU A 308 -6.82 10.45 6.26
N ASN A 309 -6.16 9.59 5.48
CA ASN A 309 -4.86 9.90 4.92
C ASN A 309 -4.98 10.32 3.47
N GLY A 310 -4.73 11.59 3.21
CA GLY A 310 -4.83 12.12 1.86
C GLY A 310 -5.72 13.36 1.85
N ASP A 311 -6.48 13.52 0.78
CA ASP A 311 -7.40 14.65 0.66
C ASP A 311 -8.70 14.24 0.00
N LEU A 312 -9.75 14.07 0.81
CA LEU A 312 -11.07 13.72 0.32
C LEU A 312 -11.42 14.58 -0.89
N GLU A 313 -11.30 15.89 -0.74
CA GLU A 313 -11.53 16.82 -1.85
C GLU A 313 -10.63 16.49 -3.04
N HIS A 314 -9.35 16.80 -2.89
CA HIS A 314 -8.38 16.62 -3.98
C HIS A 314 -7.61 15.31 -3.85
N GLY A 315 -8.30 14.21 -4.12
CA GLY A 315 -7.69 12.89 -4.11
C GLY A 315 -8.38 11.96 -5.08
N ALA A 316 -7.68 10.92 -5.50
CA ALA A 316 -8.24 9.95 -6.43
C ALA A 316 -9.58 9.41 -5.94
N PRO A 317 -10.54 9.27 -6.86
CA PRO A 317 -11.89 8.80 -6.53
C PRO A 317 -11.95 7.32 -6.13
N ASN A 318 -10.93 6.54 -6.45
CA ASN A 318 -10.99 5.10 -6.20
C ASN A 318 -10.16 4.59 -5.02
N ILE A 319 -9.38 5.48 -4.42
CA ILE A 319 -8.52 5.09 -3.30
C ILE A 319 -8.90 5.82 -2.01
N LEU A 320 -8.98 5.05 -0.93
CA LEU A 320 -9.26 5.61 0.39
C LEU A 320 -8.43 4.90 1.46
N ASN A 321 -7.52 5.63 2.08
CA ASN A 321 -6.63 5.07 3.08
C ASN A 321 -6.83 5.73 4.44
N VAL A 322 -7.25 4.95 5.43
CA VAL A 322 -7.55 5.48 6.75
C VAL A 322 -6.75 4.80 7.86
N SER A 323 -6.46 5.57 8.91
CA SER A 323 -5.72 5.06 10.06
C SER A 323 -6.59 5.08 11.31
N PHE A 324 -6.68 3.95 11.99
CA PHE A 324 -7.49 3.84 13.19
C PHE A 324 -6.59 3.83 14.42
N ASN A 325 -6.90 4.68 15.38
CA ASN A 325 -6.03 4.83 16.54
C ASN A 325 -6.39 3.85 17.65
N TYR A 326 -5.37 3.43 18.39
CA TYR A 326 -5.55 2.59 19.58
C TYR A 326 -5.83 1.11 19.30
N VAL A 327 -5.68 0.71 18.05
CA VAL A 327 -5.73 -0.71 17.68
C VAL A 327 -4.49 -1.07 16.86
N GLU A 328 -3.95 -2.26 17.10
CA GLU A 328 -2.72 -2.69 16.44
C GLU A 328 -2.97 -3.12 14.99
N GLY A 329 -2.04 -2.78 14.12
CA GLY A 329 -2.17 -3.00 12.69
C GLY A 329 -2.59 -4.40 12.28
N GLU A 330 -1.86 -5.40 12.75
CA GLU A 330 -2.09 -6.79 12.34
C GLU A 330 -3.43 -7.32 12.85
N SER A 331 -3.78 -6.99 14.08
CA SER A 331 -5.05 -7.43 14.64
C SER A 331 -6.22 -6.89 13.82
N LEU A 332 -6.01 -5.71 13.23
CA LEU A 332 -7.03 -5.09 12.39
C LEU A 332 -7.20 -5.89 11.12
N ILE A 333 -6.10 -6.10 10.39
CA ILE A 333 -6.11 -6.90 9.18
C ILE A 333 -6.80 -8.25 9.39
N MET A 334 -6.46 -8.91 10.48
CA MET A 334 -7.05 -10.21 10.80
C MET A 334 -8.56 -10.10 10.99
N ALA A 335 -8.99 -9.02 11.65
CA ALA A 335 -10.41 -8.79 11.89
C ALA A 335 -11.17 -8.62 10.58
N LEU A 336 -10.49 -8.05 9.59
CA LEU A 336 -11.10 -7.79 8.29
C LEU A 336 -10.83 -8.95 7.33
N LYS A 337 -10.89 -10.16 7.86
CA LYS A 337 -10.69 -11.38 7.08
C LYS A 337 -11.58 -11.37 5.83
N ASP A 338 -12.76 -10.78 5.97
CA ASP A 338 -13.76 -10.80 4.91
C ASP A 338 -13.43 -9.87 3.75
N LEU A 339 -12.42 -9.01 3.94
CA LEU A 339 -12.03 -8.07 2.90
C LEU A 339 -10.64 -8.38 2.36
N ALA A 340 -10.42 -8.06 1.10
CA ALA A 340 -9.10 -8.19 0.49
C ALA A 340 -8.51 -6.80 0.26
N VAL A 341 -7.90 -6.26 1.30
CA VAL A 341 -7.33 -4.92 1.24
C VAL A 341 -5.82 -4.95 1.39
N SER A 342 -5.23 -3.77 1.61
CA SER A 342 -3.80 -3.68 1.87
C SER A 342 -3.57 -2.82 3.10
N SER A 343 -2.36 -2.88 3.66
CA SER A 343 -2.10 -2.25 4.95
C SER A 343 -0.73 -1.59 5.04
N GLY A 344 -0.54 -0.79 6.08
CA GLY A 344 0.75 -0.22 6.41
C GLY A 344 1.59 -1.19 7.21
N SER A 345 1.79 -2.38 6.64
CA SER A 345 2.70 -3.37 7.19
C SER A 345 3.44 -4.03 6.03
N ALA A 346 4.59 -4.64 6.33
CA ALA A 346 5.41 -5.26 5.29
C ALA A 346 6.43 -6.23 5.88
N LEU A 352 8.92 -5.87 8.35
CA LEU A 352 9.47 -5.26 9.55
C LEU A 352 9.45 -3.74 9.45
N GLU A 353 8.55 -3.22 8.63
CA GLU A 353 8.56 -1.80 8.30
C GLU A 353 7.17 -1.26 7.97
N PRO A 354 6.72 -0.26 8.73
CA PRO A 354 5.44 0.41 8.42
C PRO A 354 5.55 1.13 7.08
N SER A 355 4.41 1.62 6.58
CA SER A 355 4.38 2.35 5.33
C SER A 355 5.19 3.64 5.42
N TYR A 356 6.20 3.78 4.56
CA TYR A 356 7.05 4.97 4.57
C TYR A 356 6.27 6.19 4.09
N VAL A 357 5.24 5.95 3.31
CA VAL A 357 4.35 7.02 2.87
C VAL A 357 3.70 7.66 4.09
N LEU A 358 3.00 6.85 4.87
CA LEU A 358 2.25 7.33 6.02
C LEU A 358 3.15 7.92 7.10
N ARG A 359 4.43 7.56 7.08
CA ARG A 359 5.37 8.08 8.07
C ARG A 359 6.02 9.37 7.57
N ALA A 360 6.02 9.55 6.25
CA ALA A 360 6.50 10.79 5.67
C ALA A 360 5.41 11.85 5.78
N LEU A 361 4.19 11.41 6.05
CA LEU A 361 3.06 12.31 6.25
C LEU A 361 3.07 12.90 7.66
N GLY A 362 3.77 12.24 8.57
CA GLY A 362 3.83 12.67 9.94
C GLY A 362 2.93 11.86 10.86
N LEU A 363 2.78 10.57 10.54
CA LEU A 363 2.08 9.64 11.41
C LEU A 363 3.12 8.81 12.15
N ASN A 364 2.89 8.56 13.44
CA ASN A 364 3.81 7.73 14.19
C ASN A 364 3.65 6.26 13.79
N ASP A 365 4.67 5.46 14.06
CA ASP A 365 4.72 4.08 13.58
C ASP A 365 3.44 3.29 13.85
N GLU A 366 2.83 3.53 15.02
CA GLU A 366 1.63 2.79 15.41
C GLU A 366 0.44 3.15 14.53
N LEU A 367 0.18 4.43 14.39
CA LEU A 367 -0.91 4.91 13.53
C LEU A 367 -0.67 4.49 12.09
N ALA A 368 0.59 4.47 11.68
CA ALA A 368 0.97 4.09 10.32
C ALA A 368 0.73 2.60 10.12
N HIS A 369 1.12 1.80 11.11
CA HIS A 369 0.92 0.36 11.09
C HIS A 369 -0.55 0.02 10.87
N SER A 370 -1.42 0.64 11.66
CA SER A 370 -2.83 0.30 11.68
C SER A 370 -3.64 1.06 10.63
N SER A 371 -3.18 0.99 9.38
CA SER A 371 -3.86 1.69 8.28
C SER A 371 -4.38 0.70 7.25
N ILE A 372 -5.56 0.97 6.71
CA ILE A 372 -6.14 0.13 5.67
C ILE A 372 -6.31 0.92 4.37
N ARG A 373 -5.86 0.32 3.27
CA ARG A 373 -6.01 0.95 1.97
C ARG A 373 -7.14 0.32 1.17
N PHE A 374 -8.33 0.92 1.25
CA PHE A 374 -9.46 0.47 0.46
C PHE A 374 -9.35 1.03 -0.95
N SER A 375 -9.31 0.14 -1.94
CA SER A 375 -9.27 0.57 -3.34
C SER A 375 -10.43 -0.02 -4.13
N LEU A 376 -11.30 0.84 -4.65
CA LEU A 376 -12.50 0.42 -5.34
C LEU A 376 -12.25 0.19 -6.82
N GLY A 377 -13.22 -0.44 -7.49
CA GLY A 377 -13.06 -0.74 -8.90
C GLY A 377 -14.34 -1.12 -9.64
N ARG A 378 -14.16 -1.46 -10.91
CA ARG A 378 -15.22 -1.86 -11.82
C ARG A 378 -16.34 -2.66 -11.17
N PHE A 379 -15.97 -3.68 -10.39
CA PHE A 379 -16.96 -4.61 -9.85
C PHE A 379 -17.51 -4.23 -8.48
N THR A 380 -17.01 -3.16 -7.89
CA THR A 380 -17.45 -2.74 -6.57
C THR A 380 -18.92 -2.30 -6.59
N THR A 381 -19.64 -2.60 -5.52
CA THR A 381 -21.06 -2.25 -5.45
C THR A 381 -21.39 -1.53 -4.15
N GLU A 382 -22.49 -0.77 -4.17
CA GLU A 382 -22.96 -0.09 -2.97
C GLU A 382 -23.18 -1.13 -1.88
N GLU A 383 -23.72 -2.27 -2.29
CA GLU A 383 -23.99 -3.37 -1.39
C GLU A 383 -22.75 -3.71 -0.57
N GLU A 384 -21.61 -3.83 -1.25
CA GLU A 384 -20.36 -4.19 -0.60
C GLU A 384 -19.82 -3.06 0.28
N ILE A 385 -19.91 -1.84 -0.22
CA ILE A 385 -19.47 -0.68 0.55
C ILE A 385 -20.19 -0.63 1.89
N ASP A 386 -21.47 -0.96 1.88
CA ASP A 386 -22.25 -0.98 3.11
C ASP A 386 -21.76 -2.08 4.06
N TYR A 387 -21.52 -3.27 3.50
CA TYR A 387 -21.03 -4.39 4.29
C TYR A 387 -19.72 -4.03 4.97
N THR A 388 -18.83 -3.39 4.22
CA THR A 388 -17.53 -2.98 4.74
C THR A 388 -17.69 -1.95 5.84
N ILE A 389 -18.55 -0.96 5.60
CA ILE A 389 -18.82 0.09 6.56
C ILE A 389 -19.17 -0.49 7.92
N GLU A 390 -20.10 -1.44 7.92
CA GLU A 390 -20.52 -2.08 9.17
C GLU A 390 -19.40 -2.95 9.73
N LEU A 391 -18.76 -3.72 8.85
CA LEU A 391 -17.67 -4.60 9.28
C LEU A 391 -16.58 -3.84 10.00
N VAL A 392 -16.25 -2.66 9.48
CA VAL A 392 -15.20 -1.84 10.08
C VAL A 392 -15.64 -1.29 11.44
N ARG A 393 -16.88 -0.83 11.52
CA ARG A 393 -17.42 -0.35 12.78
C ARG A 393 -17.37 -1.45 13.82
N LYS A 394 -17.82 -2.64 13.42
CA LYS A 394 -17.83 -3.81 14.28
C LYS A 394 -16.43 -4.09 14.83
N SER A 395 -15.48 -4.28 13.93
CA SER A 395 -14.13 -4.69 14.28
C SER A 395 -13.44 -3.70 15.22
N ILE A 396 -13.48 -2.42 14.88
CA ILE A 396 -12.77 -1.41 15.66
C ILE A 396 -13.25 -1.31 17.09
N GLY A 397 -14.55 -1.29 17.27
CA GLY A 397 -15.13 -1.22 18.61
C GLY A 397 -14.82 -2.46 19.41
N ARG A 398 -14.64 -3.57 18.70
CA ARG A 398 -14.36 -4.84 19.34
C ARG A 398 -12.90 -4.93 19.77
N LEU A 399 -11.99 -4.56 18.87
CA LEU A 399 -10.57 -4.56 19.16
C LEU A 399 -10.22 -3.50 20.21
N ARG A 400 -11.03 -2.46 20.29
CA ARG A 400 -10.82 -1.42 21.27
C ARG A 400 -11.26 -1.88 22.65
N ASP A 401 -12.17 -2.85 22.67
CA ASP A 401 -12.61 -3.46 23.91
C ASP A 401 -11.49 -4.30 24.50
N LEU A 402 -10.62 -4.82 23.65
CA LEU A 402 -9.49 -5.63 24.10
C LEU A 402 -8.29 -4.74 24.38
N SER A 403 -8.34 -3.50 23.88
CA SER A 403 -7.20 -2.60 24.00
C SER A 403 -7.11 -1.92 25.36
N PRO A 404 -5.94 -2.04 26.00
CA PRO A 404 -5.66 -1.40 27.29
C PRO A 404 -5.26 0.05 27.08
N LEU A 405 -4.78 0.36 25.88
CA LEU A 405 -4.48 1.73 25.50
C LEU A 405 -5.77 2.53 25.38
N TRP A 406 -6.78 1.91 24.78
CA TRP A 406 -8.09 2.54 24.63
C TRP A 406 -8.63 2.99 25.98
N GLU A 407 -8.43 2.15 26.98
CA GLU A 407 -8.90 2.45 28.34
C GLU A 407 -8.22 3.68 28.91
N MET A 408 -6.89 3.72 28.83
CA MET A 408 -6.13 4.85 29.34
C MET A 408 -6.55 6.14 28.64
N TYR A 409 -6.78 6.05 27.34
CA TYR A 409 -7.30 7.17 26.58
C TYR A 409 -8.70 7.53 27.06
N LYS A 410 -9.54 6.51 27.22
CA LYS A 410 -10.92 6.72 27.63
C LYS A 410 -11.02 7.43 28.97
N GLN A 411 -10.07 7.16 29.88
CA GLN A 411 -10.07 7.79 31.19
C GLN A 411 -8.74 8.48 31.48
N GLY A 412 -8.67 9.77 31.17
CA GLY A 412 -7.47 10.56 31.41
C GLY A 412 -6.30 10.11 30.56
N ALA B 3 -1.43 -17.45 7.99
CA ALA B 3 -0.27 -18.19 8.49
C ALA B 3 -0.44 -18.58 9.96
N TYR B 4 -1.62 -18.32 10.50
CA TYR B 4 -1.89 -18.54 11.91
C TYR B 4 -2.38 -19.96 12.18
N SER B 5 -2.24 -20.41 13.43
CA SER B 5 -2.69 -21.74 13.82
C SER B 5 -4.16 -21.70 14.20
N GLU B 6 -4.78 -22.87 14.27
CA GLU B 6 -6.19 -22.96 14.57
C GLU B 6 -6.49 -22.47 15.98
N LYS B 7 -5.71 -22.92 16.95
CA LYS B 7 -5.90 -22.51 18.33
C LYS B 7 -5.80 -21.00 18.49
N VAL B 8 -4.85 -20.39 17.76
CA VAL B 8 -4.68 -18.94 17.81
C VAL B 8 -5.92 -18.24 17.28
N ILE B 9 -6.46 -18.74 16.17
CA ILE B 9 -7.67 -18.16 15.59
C ILE B 9 -8.79 -18.22 16.60
N ASP B 10 -8.96 -19.37 17.23
CA ASP B 10 -9.99 -19.57 18.23
C ASP B 10 -9.89 -18.49 19.31
N HIS B 11 -8.70 -18.36 19.89
CA HIS B 11 -8.49 -17.44 21.01
C HIS B 11 -8.56 -15.99 20.60
N TYR B 12 -8.14 -15.70 19.38
CA TYR B 12 -8.20 -14.34 18.87
C TYR B 12 -9.63 -13.92 18.64
N GLU B 13 -10.41 -14.79 18.00
CA GLU B 13 -11.79 -14.48 17.66
C GLU B 13 -12.73 -14.63 18.86
N ASN B 14 -12.33 -15.42 19.85
CA ASN B 14 -13.10 -15.57 21.08
C ASN B 14 -12.19 -15.54 22.30
N PRO B 15 -11.64 -14.35 22.61
CA PRO B 15 -10.70 -14.20 23.72
C PRO B 15 -11.38 -14.47 25.06
N ARG B 16 -10.71 -15.23 25.91
CA ARG B 16 -11.26 -15.63 27.19
C ARG B 16 -10.72 -14.76 28.32
N ASN B 17 -11.63 -14.15 29.07
CA ASN B 17 -11.28 -13.29 30.21
C ASN B 17 -10.87 -11.87 29.85
N VAL B 18 -11.62 -11.23 28.95
CA VAL B 18 -11.38 -9.83 28.66
C VAL B 18 -12.02 -8.95 29.75
N GLY B 19 -11.32 -7.88 30.12
CA GLY B 19 -11.80 -7.00 31.17
C GLY B 19 -10.68 -6.59 32.11
N SER B 20 -11.03 -5.92 33.20
CA SER B 20 -10.03 -5.49 34.18
C SER B 20 -10.59 -5.49 35.61
N PHE B 21 -9.69 -5.62 36.59
CA PHE B 21 -10.08 -5.62 37.99
C PHE B 21 -9.77 -4.28 38.67
N ASP B 22 -10.38 -4.08 39.82
CA ASP B 22 -10.10 -2.91 40.64
C ASP B 22 -8.66 -2.99 41.15
N ASN B 23 -7.85 -1.97 40.82
CA ASN B 23 -6.44 -1.97 41.19
C ASN B 23 -6.17 -1.76 42.68
N ASN B 24 -7.23 -1.59 43.45
CA ASN B 24 -7.10 -1.44 44.90
C ASN B 24 -7.92 -2.51 45.59
N ASP B 25 -8.18 -3.59 44.88
CA ASP B 25 -9.08 -4.63 45.37
C ASP B 25 -8.48 -5.40 46.54
N GLU B 26 -7.19 -5.18 46.78
CA GLU B 26 -6.49 -5.85 47.88
C GLU B 26 -6.36 -7.35 47.62
N ASN B 27 -7.35 -7.90 46.93
CA ASN B 27 -7.30 -9.29 46.50
C ASN B 27 -6.57 -9.37 45.16
N VAL B 28 -6.31 -8.22 44.57
CA VAL B 28 -5.81 -8.15 43.22
C VAL B 28 -4.36 -7.68 43.10
N GLY B 29 -3.58 -8.42 42.32
CA GLY B 29 -2.26 -8.01 41.93
C GLY B 29 -2.23 -7.79 40.43
N SER B 30 -1.96 -6.56 40.00
CA SER B 30 -1.99 -6.21 38.59
C SER B 30 -0.62 -5.80 38.05
N GLY B 31 -0.27 -6.33 36.89
CA GLY B 31 0.97 -5.98 36.24
C GLY B 31 0.75 -5.68 34.78
N MET B 32 1.12 -4.47 34.36
CA MET B 32 0.97 -4.09 32.96
C MET B 32 2.34 -3.96 32.31
N VAL B 33 2.68 -4.91 31.47
CA VAL B 33 3.96 -4.90 30.80
C VAL B 33 3.83 -4.79 29.29
N GLY B 34 4.62 -3.88 28.72
CA GLY B 34 4.76 -3.77 27.28
C GLY B 34 6.23 -3.91 26.98
N ALA B 35 6.56 -4.11 25.71
CA ALA B 35 7.96 -4.25 25.32
C ALA B 35 8.24 -3.64 23.96
N PRO B 36 8.17 -2.29 23.86
CA PRO B 36 8.64 -1.59 22.67
C PRO B 36 9.86 -2.29 22.06
N ALA B 37 9.70 -2.68 20.81
CA ALA B 37 10.61 -3.57 20.11
C ALA B 37 9.75 -4.02 18.95
N CYS B 38 8.44 -4.01 19.21
CA CYS B 38 7.41 -4.13 18.19
C CYS B 38 6.27 -3.24 18.65
N GLY B 39 6.39 -2.74 19.87
CA GLY B 39 5.48 -1.73 20.39
C GLY B 39 4.15 -2.25 20.89
N ASP B 40 4.11 -3.51 21.32
CA ASP B 40 2.90 -4.09 21.87
C ASP B 40 2.77 -3.75 23.35
N VAL B 41 1.68 -4.22 23.97
CA VAL B 41 1.44 -3.98 25.38
C VAL B 41 0.23 -4.77 25.87
N MET B 42 0.43 -5.56 26.92
CA MET B 42 -0.66 -6.33 27.49
C MET B 42 -0.75 -6.17 29.00
N LYS B 43 -1.97 -5.90 29.47
CA LYS B 43 -2.24 -5.75 30.89
C LYS B 43 -2.97 -6.98 31.40
N LEU B 44 -2.33 -7.71 32.30
CA LEU B 44 -2.95 -8.87 32.93
C LEU B 44 -2.97 -8.64 34.43
N GLN B 45 -3.98 -9.18 35.11
CA GLN B 45 -4.08 -9.02 36.55
C GLN B 45 -4.91 -10.13 37.16
N ILE B 46 -4.55 -10.53 38.37
CA ILE B 46 -5.23 -11.62 39.05
C ILE B 46 -5.89 -11.15 40.34
N LYS B 47 -6.76 -12.00 40.88
CA LYS B 47 -7.24 -11.85 42.24
C LYS B 47 -7.15 -13.21 42.91
N VAL B 48 -6.48 -13.27 44.05
CA VAL B 48 -6.11 -14.56 44.63
C VAL B 48 -7.02 -15.02 45.76
N ASN B 49 -7.34 -16.30 45.75
CA ASN B 49 -8.08 -16.94 46.83
C ASN B 49 -7.24 -16.93 48.09
N ASP B 50 -7.47 -15.96 48.95
CA ASP B 50 -6.62 -15.75 50.13
C ASP B 50 -6.13 -17.07 50.73
N GLU B 51 -4.82 -17.14 50.93
CA GLU B 51 -4.14 -18.36 51.37
C GLU B 51 -3.77 -19.22 50.16
N GLY B 52 -3.14 -18.59 49.17
CA GLY B 52 -2.52 -19.32 48.07
C GLY B 52 -3.21 -19.28 46.71
N ILE B 53 -4.08 -20.25 46.49
CA ILE B 53 -4.72 -20.48 45.18
C ILE B 53 -5.28 -19.22 44.50
N ILE B 54 -5.35 -19.26 43.17
CA ILE B 54 -5.84 -18.14 42.37
C ILE B 54 -7.32 -18.29 42.01
N GLU B 55 -8.10 -17.26 42.29
CA GLU B 55 -9.53 -17.28 42.03
C GLU B 55 -9.87 -17.00 40.57
N ASP B 56 -9.33 -15.90 40.05
CA ASP B 56 -9.76 -15.37 38.77
C ASP B 56 -8.73 -14.38 38.24
N ALA B 57 -8.67 -14.23 36.92
CA ALA B 57 -7.78 -13.26 36.30
C ALA B 57 -8.48 -12.57 35.13
N ARG B 58 -7.88 -11.49 34.64
CA ARG B 58 -8.42 -10.75 33.50
C ARG B 58 -7.32 -10.02 32.75
N PHE B 59 -7.54 -9.81 31.45
CA PHE B 59 -6.52 -9.21 30.61
C PHE B 59 -7.09 -8.23 29.61
N LYS B 60 -6.21 -7.37 29.11
CA LYS B 60 -6.46 -6.57 27.92
C LYS B 60 -5.12 -6.49 27.20
N THR B 61 -5.15 -6.48 25.87
CA THR B 61 -3.91 -6.51 25.11
C THR B 61 -3.99 -5.74 23.79
N TYR B 62 -2.82 -5.45 23.22
CA TYR B 62 -2.71 -4.64 22.03
C TYR B 62 -1.56 -5.18 21.18
N GLY B 63 -1.90 -5.87 20.11
CA GLY B 63 -0.89 -6.51 19.27
C GLY B 63 -1.53 -7.49 18.30
N CYS B 64 -0.72 -8.39 17.74
CA CYS B 64 -1.21 -9.36 16.78
C CYS B 64 -2.33 -10.21 17.37
N GLY B 65 -2.95 -11.03 16.54
CA GLY B 65 -3.91 -11.99 17.01
C GLY B 65 -3.18 -12.99 17.88
N SER B 66 -1.91 -13.23 17.54
CA SER B 66 -1.03 -14.09 18.32
C SER B 66 -0.86 -13.52 19.72
N ALA B 67 -0.41 -12.27 19.79
CA ALA B 67 -0.24 -11.59 21.07
C ALA B 67 -1.50 -11.69 21.90
N ILE B 68 -2.65 -11.46 21.27
CA ILE B 68 -3.93 -11.54 21.94
C ILE B 68 -4.23 -12.95 22.44
N ALA B 69 -4.21 -13.92 21.53
CA ALA B 69 -4.45 -15.31 21.88
C ALA B 69 -3.49 -15.77 22.96
N SER B 70 -2.30 -15.21 22.95
CA SER B 70 -1.27 -15.55 23.92
C SER B 70 -1.73 -15.23 25.33
N SER B 71 -2.07 -13.96 25.56
CA SER B 71 -2.52 -13.51 26.87
C SER B 71 -3.90 -14.09 27.23
N SER B 72 -4.70 -14.37 26.22
CA SER B 72 -5.99 -15.03 26.44
C SER B 72 -5.73 -16.37 27.08
N LEU B 73 -4.94 -17.19 26.39
CA LEU B 73 -4.58 -18.51 26.88
C LEU B 73 -4.10 -18.44 28.33
N VAL B 74 -3.21 -17.51 28.61
CA VAL B 74 -2.62 -17.38 29.93
C VAL B 74 -3.67 -17.18 31.02
N THR B 75 -4.61 -16.28 30.80
CA THR B 75 -5.67 -16.05 31.78
C THR B 75 -6.44 -17.35 32.01
N GLU B 76 -6.68 -18.08 30.92
CA GLU B 76 -7.39 -19.35 31.00
C GLU B 76 -6.59 -20.36 31.82
N TRP B 77 -5.29 -20.46 31.53
CA TRP B 77 -4.43 -21.40 32.24
C TRP B 77 -4.31 -21.07 33.72
N VAL B 78 -4.23 -19.78 34.03
CA VAL B 78 -3.99 -19.33 35.40
C VAL B 78 -5.16 -19.62 36.36
N LYS B 79 -6.38 -19.63 35.84
CA LYS B 79 -7.55 -19.92 36.66
C LYS B 79 -7.45 -21.30 37.29
N GLY B 80 -7.64 -21.35 38.61
CA GLY B 80 -7.58 -22.60 39.34
C GLY B 80 -6.18 -23.02 39.73
N LYS B 81 -5.21 -22.18 39.36
CA LYS B 81 -3.81 -22.46 39.62
C LYS B 81 -3.40 -21.92 40.98
N SER B 82 -2.12 -22.09 41.31
CA SER B 82 -1.56 -21.54 42.53
C SER B 82 -0.77 -20.28 42.19
N LEU B 83 -0.26 -19.60 43.21
CA LEU B 83 0.64 -18.49 43.00
C LEU B 83 1.89 -18.97 42.29
N ASP B 84 2.47 -20.06 42.81
CA ASP B 84 3.70 -20.60 42.26
C ASP B 84 3.50 -21.49 41.05
N GLU B 85 2.42 -22.27 41.04
CA GLU B 85 2.11 -23.09 39.88
C GLU B 85 2.09 -22.23 38.62
N ALA B 86 1.44 -21.07 38.72
CA ALA B 86 1.37 -20.13 37.61
C ALA B 86 2.69 -19.39 37.43
N GLN B 87 3.46 -19.31 38.50
CA GLN B 87 4.77 -18.66 38.46
C GLN B 87 5.75 -19.39 37.54
N ALA B 88 5.61 -20.71 37.47
CA ALA B 88 6.50 -21.52 36.66
C ALA B 88 5.85 -21.96 35.34
N ILE B 89 5.23 -21.00 34.66
CA ILE B 89 4.54 -21.30 33.40
C ILE B 89 5.49 -21.32 32.20
N LYS B 90 6.37 -20.32 32.11
CA LYS B 90 7.39 -20.28 31.06
C LYS B 90 6.80 -20.07 29.67
N ASN B 91 7.28 -19.03 29.00
CA ASN B 91 6.82 -18.67 27.66
C ASN B 91 6.82 -19.84 26.67
N THR B 92 7.91 -20.61 26.68
CA THR B 92 8.05 -21.74 25.78
C THR B 92 6.79 -22.59 25.71
N ASP B 93 6.22 -22.92 26.86
CA ASP B 93 5.00 -23.73 26.93
C ASP B 93 3.84 -23.04 26.23
N ILE B 94 3.76 -21.73 26.39
CA ILE B 94 2.71 -20.93 25.75
C ILE B 94 2.85 -20.96 24.24
N ALA B 95 4.10 -20.93 23.77
CA ALA B 95 4.38 -20.94 22.34
C ALA B 95 4.07 -22.29 21.73
N GLU B 96 4.47 -23.36 22.43
CA GLU B 96 4.20 -24.71 21.97
C GLU B 96 2.69 -24.90 21.80
N GLU B 97 1.94 -24.57 22.83
CA GLU B 97 0.49 -24.72 22.81
C GLU B 97 -0.12 -24.04 21.58
N LEU B 98 0.21 -22.77 21.39
CA LEU B 98 -0.35 -21.99 20.29
C LEU B 98 0.35 -22.24 18.96
N GLU B 99 1.43 -23.02 19.00
CA GLU B 99 2.20 -23.32 17.79
C GLU B 99 2.65 -22.02 17.11
N LEU B 100 3.38 -21.20 17.85
CA LEU B 100 3.84 -19.91 17.35
C LEU B 100 5.07 -20.03 16.47
N PRO B 101 5.05 -19.35 15.32
CA PRO B 101 6.23 -19.27 14.43
C PRO B 101 7.32 -18.40 15.05
N PRO B 102 8.59 -18.68 14.69
CA PRO B 102 9.76 -17.96 15.20
C PRO B 102 9.52 -16.47 15.36
N VAL B 103 8.85 -15.86 14.39
CA VAL B 103 8.65 -14.40 14.39
C VAL B 103 7.81 -13.94 15.58
N LYS B 104 6.70 -14.63 15.82
CA LYS B 104 5.79 -14.25 16.89
C LYS B 104 6.15 -14.91 18.21
N ILE B 105 7.42 -15.25 18.39
CA ILE B 105 7.89 -15.83 19.63
C ILE B 105 7.87 -14.81 20.76
N HIS B 106 8.05 -13.54 20.40
CA HIS B 106 8.09 -12.47 21.38
C HIS B 106 6.79 -12.36 22.16
N CYS B 107 5.72 -12.93 21.60
CA CYS B 107 4.41 -12.87 22.25
C CYS B 107 4.36 -13.75 23.49
N SER B 108 5.11 -14.84 23.47
CA SER B 108 5.22 -15.72 24.63
C SER B 108 5.98 -15.01 25.74
N ILE B 109 7.24 -14.70 25.47
CA ILE B 109 8.08 -13.96 26.40
C ILE B 109 7.27 -12.90 27.11
N LEU B 110 6.52 -12.14 26.32
CA LEU B 110 5.71 -11.05 26.83
C LEU B 110 4.59 -11.55 27.74
N ALA B 111 3.87 -12.57 27.27
CA ALA B 111 2.80 -13.16 28.06
C ALA B 111 3.32 -13.59 29.43
N GLU B 112 4.47 -14.26 29.43
CA GLU B 112 5.10 -14.69 30.68
C GLU B 112 5.46 -13.48 31.54
N ASP B 113 6.07 -12.48 30.93
CA ASP B 113 6.38 -11.24 31.61
C ASP B 113 5.16 -10.72 32.35
N ALA B 114 4.02 -10.73 31.67
CA ALA B 114 2.78 -10.15 32.18
C ALA B 114 2.30 -10.85 33.44
N ILE B 115 2.20 -12.17 33.39
CA ILE B 115 1.74 -12.94 34.55
C ILE B 115 2.70 -12.78 35.73
N LYS B 116 4.00 -12.88 35.45
CA LYS B 116 5.01 -12.73 36.48
C LYS B 116 4.97 -11.35 37.12
N ALA B 117 4.68 -10.34 36.32
CA ALA B 117 4.63 -8.97 36.81
C ALA B 117 3.41 -8.75 37.70
N ALA B 118 2.29 -9.38 37.34
CA ALA B 118 1.06 -9.27 38.12
C ALA B 118 1.26 -9.91 39.49
N ILE B 119 1.88 -11.08 39.49
CA ILE B 119 2.18 -11.78 40.73
C ILE B 119 3.01 -10.90 41.65
N ALA B 120 4.14 -10.43 41.13
CA ALA B 120 5.06 -9.58 41.89
C ALA B 120 4.31 -8.41 42.52
N ASP B 121 3.33 -7.88 41.80
CA ASP B 121 2.55 -6.75 42.30
C ASP B 121 1.74 -7.15 43.52
N TYR B 122 1.12 -8.33 43.46
CA TYR B 122 0.35 -8.81 44.58
C TYR B 122 1.22 -8.96 45.82
N LYS B 123 2.36 -9.64 45.66
CA LYS B 123 3.27 -9.86 46.78
C LYS B 123 3.75 -8.54 47.40
N SER B 124 3.95 -7.53 46.56
CA SER B 124 4.47 -6.24 47.01
C SER B 124 3.49 -5.53 47.94
N LYS B 125 2.20 -5.76 47.73
CA LYS B 125 1.18 -5.06 48.49
C LYS B 125 0.69 -5.84 49.71
N ARG B 126 1.48 -5.84 50.79
CA ARG B 126 1.08 -6.50 52.02
C ARG B 126 2.04 -6.46 53.23
N GLU B 127 2.97 -5.50 53.28
CA GLU B 127 3.20 -4.51 52.25
C GLU B 127 4.64 -4.59 51.77
#